data_7CDJ
#
_entry.id   7CDJ
#
_cell.length_a   89.411
_cell.length_b   89.411
_cell.length_c   437.923
_cell.angle_alpha   90.000
_cell.angle_beta   90.000
_cell.angle_gamma   120.000
#
_symmetry.space_group_name_H-M   'P 61 2 2'
#
loop_
_entity.id
_entity.type
_entity.pdbx_description
1 polymer 'Spike protein S1'
2 polymer 'antibody P2C-1A3 heavy chain'
3 polymer 'antibody P2C-1A3 light chain'
4 non-polymer 2-acetamido-2-deoxy-beta-D-glucopyranose
#
loop_
_entity_poly.entity_id
_entity_poly.type
_entity_poly.pdbx_seq_one_letter_code
_entity_poly.pdbx_strand_id
1 'polypeptide(L)'
;RVQPTESIVRFPNITNLCPFGEVFNATRFASVYAWNRKRISNCVADYSVLYNSASFSTFKCYGVSPTKLNDLCFTNVYAD
SFVIRGDEVRQIAPGQTGKIADYNYKLPDDFTGCVIAWNSNNLDSKVGGNYNYLYRLFRKSNLKPFERDISTEIYQAGST
PCNGVEGFNCYFPLQSYGFQPTNGVGYQPYRVVVLSFELLHAPATVCGPKKHHHHHH
;
E
2 'polypeptide(L)'
;QVQLVESGGGLVKPGGSLRLSCAASGFTFSDYYMSWIRQAPGKGLEWVSYISSSGSTIYYADSVKGRFTISRDNAKNSLY
LQMNSLRAEDTAVYYCARDFSHQQLVPSWGQGTLVTVSSASTKGPSVFPLAPSSKSTSGGTAALGCLVKDYFPEPVTVSW
NSGALTSGVHTFPAVLQSSGLYSLSSVVTVPSSSLGTQTYICNVNHKPSNTKVDKKVE
;
H
3 'polypeptide(L)'
;DIQLTQSPSFLSASVGDRVTITCRASQGISSYLAWYQQKPGKAPKLLIYAASTLQSGVPSRFSGSGSGTEFTLTISSLQP
EDFATYYCQQLNSYPLTFGGGTKVEIKRTVAAPSVFIFPPSDEQLKSGTASVVCLLNNFYPREAKVQWKVDNALQSGNSQ
ESVTEQDSKDSTYSLSSTLTLSKADYEKHKVYACEVTHQGLSSPVTKSFNRGEC
;
L
#
# COMPACT_ATOMS: atom_id res chain seq x y z
N THR A 15 -7.89 36.11 -52.82
CA THR A 15 -6.75 36.31 -51.93
C THR A 15 -6.48 35.08 -51.05
N ASN A 16 -6.76 35.19 -49.75
CA ASN A 16 -6.32 34.22 -48.76
C ASN A 16 -7.47 33.36 -48.25
N LEU A 17 -7.12 32.16 -47.78
CA LEU A 17 -8.06 31.23 -47.15
C LEU A 17 -7.86 31.19 -45.63
N CYS A 18 -8.96 30.97 -44.89
CA CYS A 18 -8.89 30.93 -43.43
C CYS A 18 -8.37 29.57 -43.00
N PRO A 19 -7.40 29.52 -42.12
CA PRO A 19 -6.77 28.25 -41.78
C PRO A 19 -7.62 27.44 -40.81
N PHE A 20 -8.94 27.41 -41.01
CA PHE A 20 -9.83 26.64 -40.16
C PHE A 20 -9.48 25.15 -40.16
N GLY A 21 -8.91 24.67 -41.26
CA GLY A 21 -8.45 23.29 -41.31
C GLY A 21 -7.29 23.01 -40.40
N GLU A 22 -6.48 24.04 -40.07
CA GLU A 22 -5.40 23.91 -39.10
C GLU A 22 -5.93 23.83 -37.69
N VAL A 23 -7.06 24.51 -37.43
CA VAL A 23 -7.62 24.53 -36.10
C VAL A 23 -8.38 23.24 -35.80
N PHE A 24 -9.23 22.80 -36.73
CA PHE A 24 -10.00 21.59 -36.49
C PHE A 24 -9.14 20.35 -36.59
N ASN A 25 -8.53 20.14 -37.75
CA ASN A 25 -7.77 18.93 -38.00
C ASN A 25 -6.33 18.97 -37.45
N ALA A 26 -6.06 19.87 -36.49
CA ALA A 26 -4.75 19.87 -35.82
C ALA A 26 -4.55 18.57 -35.06
N THR A 27 -3.28 18.16 -34.94
CA THR A 27 -2.97 16.88 -34.30
C THR A 27 -3.00 16.99 -32.79
N ARG A 28 -2.53 18.11 -32.24
CA ARG A 28 -2.52 18.40 -30.81
C ARG A 28 -3.62 19.40 -30.45
N PHE A 29 -4.43 19.05 -29.44
CA PHE A 29 -5.35 19.97 -28.80
C PHE A 29 -4.89 20.20 -27.37
N ALA A 30 -5.32 21.32 -26.79
CA ALA A 30 -4.92 21.69 -25.44
C ALA A 30 -5.93 21.17 -24.41
N SER A 31 -5.57 21.25 -23.12
CA SER A 31 -6.53 20.93 -22.08
C SER A 31 -7.43 22.14 -21.83
N VAL A 32 -8.58 21.89 -21.19
CA VAL A 32 -9.59 22.95 -21.06
C VAL A 32 -9.06 24.14 -20.28
N TYR A 33 -8.34 23.89 -19.18
CA TYR A 33 -7.95 25.00 -18.30
C TYR A 33 -7.03 25.97 -19.02
N ALA A 34 -6.27 25.47 -19.99
CA ALA A 34 -5.39 26.26 -20.85
C ALA A 34 -5.88 26.16 -22.29
N TRP A 35 -7.19 26.33 -22.49
CA TRP A 35 -7.79 26.32 -23.81
C TRP A 35 -6.98 27.22 -24.73
N ASN A 36 -6.72 26.72 -25.94
CA ASN A 36 -5.95 27.44 -26.94
C ASN A 36 -6.90 28.24 -27.83
N ARG A 37 -6.70 29.55 -27.85
CA ARG A 37 -7.42 30.46 -28.71
C ARG A 37 -6.50 30.91 -29.85
N LYS A 38 -7.00 30.89 -31.09
CA LYS A 38 -6.25 31.41 -32.22
C LYS A 38 -7.05 32.50 -32.93
N ARG A 39 -6.33 33.49 -33.46
CA ARG A 39 -6.92 34.64 -34.15
C ARG A 39 -6.95 34.36 -35.65
N ILE A 40 -8.15 34.28 -36.22
CA ILE A 40 -8.34 34.07 -37.66
C ILE A 40 -8.70 35.41 -38.27
N SER A 41 -7.92 35.84 -39.27
CA SER A 41 -8.14 37.14 -39.88
C SER A 41 -7.56 37.14 -41.29
N ASN A 42 -7.98 38.16 -42.05
CA ASN A 42 -7.54 38.38 -43.43
C ASN A 42 -7.62 37.11 -44.25
N CYS A 43 -8.84 36.65 -44.46
CA CYS A 43 -9.05 35.42 -45.21
C CYS A 43 -10.53 35.24 -45.50
N VAL A 44 -10.84 34.15 -46.21
CA VAL A 44 -12.19 33.75 -46.57
C VAL A 44 -12.29 32.25 -46.36
N ALA A 45 -13.27 31.81 -45.59
CA ALA A 45 -13.49 30.39 -45.41
C ALA A 45 -14.95 30.05 -45.65
N ASP A 46 -15.18 28.76 -45.92
CA ASP A 46 -16.52 28.23 -46.19
C ASP A 46 -17.11 27.69 -44.89
N TYR A 47 -18.14 28.38 -44.39
CA TYR A 47 -18.86 27.94 -43.22
C TYR A 47 -19.95 26.90 -43.54
N SER A 48 -20.54 26.98 -44.74
CA SER A 48 -21.39 25.90 -45.20
C SER A 48 -20.64 24.57 -45.21
N VAL A 49 -19.36 24.59 -45.64
CA VAL A 49 -18.56 23.37 -45.76
C VAL A 49 -18.26 22.76 -44.40
N LEU A 50 -17.99 23.59 -43.39
CA LEU A 50 -17.88 23.06 -42.03
C LEU A 50 -19.17 22.38 -41.63
N TYR A 51 -20.31 23.03 -41.88
CA TYR A 51 -21.58 22.42 -41.51
C TYR A 51 -21.81 21.10 -42.25
N ASN A 52 -21.51 21.07 -43.57
CA ASN A 52 -21.69 19.92 -44.46
C ASN A 52 -20.72 18.75 -44.13
N SER A 53 -20.00 18.82 -43.00
CA SER A 53 -19.31 17.67 -42.45
C SER A 53 -20.28 16.55 -42.10
N ALA A 54 -21.16 16.79 -41.13
CA ALA A 54 -22.01 15.75 -40.54
C ALA A 54 -21.15 14.67 -39.86
N SER A 55 -19.87 14.97 -39.59
CA SER A 55 -19.05 14.18 -38.69
C SER A 55 -18.90 14.82 -37.31
N PHE A 56 -19.50 15.99 -37.10
CA PHE A 56 -19.53 16.64 -35.79
C PHE A 56 -20.77 16.16 -35.06
N SER A 57 -20.57 15.73 -33.81
CA SER A 57 -21.70 15.27 -32.98
C SER A 57 -22.48 16.44 -32.42
N THR A 58 -21.81 17.54 -32.14
CA THR A 58 -22.42 18.74 -31.62
C THR A 58 -22.15 19.87 -32.60
N PHE A 59 -23.22 20.55 -33.01
CA PHE A 59 -23.05 21.74 -33.84
C PHE A 59 -24.18 22.70 -33.49
N LYS A 60 -23.89 23.60 -32.56
CA LYS A 60 -24.84 24.62 -32.16
C LYS A 60 -24.18 25.99 -32.32
N CYS A 61 -24.90 26.90 -32.95
CA CYS A 61 -24.49 28.28 -33.13
C CYS A 61 -25.48 29.15 -32.37
N TYR A 62 -25.00 30.30 -31.90
CA TYR A 62 -25.72 31.00 -30.85
C TYR A 62 -26.16 32.40 -31.22
N GLY A 63 -25.37 33.14 -31.98
CA GLY A 63 -25.89 34.39 -32.50
C GLY A 63 -26.19 34.38 -33.98
N VAL A 64 -25.67 33.38 -34.70
CA VAL A 64 -25.57 33.40 -36.15
C VAL A 64 -26.23 32.16 -36.75
N SER A 65 -26.74 32.33 -37.98
CA SER A 65 -27.25 31.21 -38.76
C SER A 65 -26.10 30.52 -39.50
N PRO A 66 -25.98 29.19 -39.41
CA PRO A 66 -24.92 28.49 -40.15
C PRO A 66 -25.04 28.59 -41.67
N THR A 67 -26.20 29.04 -42.19
CA THR A 67 -26.33 29.30 -43.61
C THR A 67 -25.74 30.65 -43.97
N LYS A 68 -26.19 31.70 -43.27
CA LYS A 68 -25.88 33.11 -43.48
C LYS A 68 -24.49 33.48 -43.09
N LEU A 69 -23.68 32.47 -42.78
CA LEU A 69 -22.29 32.71 -42.41
C LEU A 69 -21.40 32.92 -43.62
N ASN A 70 -21.66 32.22 -44.73
CA ASN A 70 -20.93 32.49 -45.97
C ASN A 70 -21.23 33.85 -46.54
N ASP A 71 -22.31 34.49 -46.08
CA ASP A 71 -22.75 35.79 -46.54
C ASP A 71 -22.42 36.92 -45.56
N LEU A 72 -21.35 36.76 -44.76
CA LEU A 72 -21.03 37.72 -43.72
C LEU A 72 -19.55 38.10 -43.75
N CYS A 73 -19.23 39.21 -43.06
CA CYS A 73 -17.86 39.66 -42.84
C CYS A 73 -17.71 40.22 -41.42
N PHE A 74 -16.63 39.84 -40.74
CA PHE A 74 -16.35 40.26 -39.37
C PHE A 74 -14.93 40.81 -39.26
N THR A 75 -14.71 41.62 -38.21
CA THR A 75 -13.38 42.21 -38.03
C THR A 75 -12.36 41.15 -37.61
N ASN A 76 -12.79 40.19 -36.79
CA ASN A 76 -11.92 39.14 -36.30
C ASN A 76 -12.75 37.90 -36.06
N VAL A 77 -12.17 36.74 -36.32
CA VAL A 77 -12.76 35.48 -35.96
C VAL A 77 -11.84 34.80 -34.97
N TYR A 78 -12.40 34.33 -33.86
CA TYR A 78 -11.65 33.70 -32.78
C TYR A 78 -12.07 32.23 -32.66
N ALA A 79 -11.08 31.33 -32.59
CA ALA A 79 -11.32 29.90 -32.50
C ALA A 79 -10.52 29.33 -31.35
N ASP A 80 -11.24 28.81 -30.35
CA ASP A 80 -10.68 28.21 -29.16
C ASP A 80 -10.84 26.70 -29.22
N SER A 81 -9.77 25.97 -28.88
CA SER A 81 -9.71 24.53 -29.02
C SER A 81 -9.23 23.87 -27.73
N PHE A 82 -10.02 22.92 -27.22
CA PHE A 82 -9.68 22.17 -26.03
C PHE A 82 -10.30 20.79 -26.13
N VAL A 83 -10.15 19.99 -25.06
CA VAL A 83 -10.72 18.66 -24.94
C VAL A 83 -11.45 18.56 -23.60
N ILE A 84 -12.63 17.94 -23.61
CA ILE A 84 -13.45 17.72 -22.40
C ILE A 84 -13.97 16.28 -22.43
N ARG A 85 -14.89 15.90 -21.55
CA ARG A 85 -15.58 14.63 -21.81
C ARG A 85 -17.02 14.92 -22.21
N GLY A 86 -17.71 13.86 -22.66
CA GLY A 86 -19.06 14.02 -23.17
C GLY A 86 -20.06 14.47 -22.11
N ASP A 87 -19.95 13.92 -20.88
CA ASP A 87 -20.68 14.37 -19.71
C ASP A 87 -20.69 15.90 -19.66
N GLU A 88 -19.62 16.51 -20.18
CA GLU A 88 -19.33 17.92 -20.04
C GLU A 88 -19.63 18.73 -21.29
N VAL A 89 -20.02 18.09 -22.39
CA VAL A 89 -20.16 18.85 -23.64
C VAL A 89 -21.35 19.78 -23.55
N ARG A 90 -22.41 19.35 -22.86
CA ARG A 90 -23.62 20.16 -22.66
C ARG A 90 -23.35 21.50 -21.97
N GLN A 91 -22.15 21.73 -21.46
CA GLN A 91 -21.85 22.94 -20.71
C GLN A 91 -21.17 24.01 -21.54
N ILE A 92 -20.65 23.67 -22.71
CA ILE A 92 -20.00 24.64 -23.60
C ILE A 92 -21.12 25.34 -24.36
N ALA A 93 -21.75 26.28 -23.67
CA ALA A 93 -22.95 26.99 -24.10
C ALA A 93 -23.17 28.17 -23.16
N PRO A 94 -23.79 29.25 -23.63
CA PRO A 94 -24.17 30.34 -22.72
C PRO A 94 -25.18 29.88 -21.66
N GLY A 95 -25.08 30.49 -20.48
CA GLY A 95 -26.00 30.20 -19.40
C GLY A 95 -25.75 28.91 -18.66
N GLN A 96 -24.64 28.23 -18.92
CA GLN A 96 -24.38 26.94 -18.29
C GLN A 96 -23.55 27.11 -17.03
N THR A 97 -23.96 26.38 -15.99
CA THR A 97 -23.22 26.26 -14.74
C THR A 97 -22.68 24.84 -14.64
N GLY A 98 -21.40 24.70 -14.29
CA GLY A 98 -20.83 23.38 -14.14
C GLY A 98 -19.37 23.44 -13.72
N LYS A 99 -18.79 22.24 -13.58
CA LYS A 99 -17.36 22.16 -13.32
C LYS A 99 -16.55 22.91 -14.38
N ILE A 100 -16.89 22.72 -15.66
CA ILE A 100 -16.18 23.37 -16.78
C ILE A 100 -16.69 24.78 -16.99
N ALA A 101 -18.02 24.93 -17.03
CA ALA A 101 -18.67 26.20 -17.29
C ALA A 101 -18.34 27.28 -16.27
N ASP A 102 -17.79 26.91 -15.10
CA ASP A 102 -17.48 27.87 -14.05
C ASP A 102 -15.97 28.08 -13.89
N TYR A 103 -15.20 27.00 -13.82
CA TYR A 103 -13.79 27.06 -13.43
C TYR A 103 -12.81 26.82 -14.59
N ASN A 104 -13.29 26.54 -15.81
CA ASN A 104 -12.37 26.23 -16.91
C ASN A 104 -12.51 27.12 -18.14
N TYR A 105 -13.74 27.33 -18.64
CA TYR A 105 -13.99 28.05 -19.89
C TYR A 105 -15.46 28.45 -19.95
N LYS A 106 -15.77 29.74 -19.86
CA LYS A 106 -17.16 30.20 -19.81
C LYS A 106 -17.45 31.16 -20.94
N LEU A 107 -18.61 30.94 -21.68
CA LEU A 107 -19.12 31.77 -22.79
C LEU A 107 -20.13 32.77 -22.29
N PRO A 108 -20.00 34.05 -22.62
CA PRO A 108 -20.93 35.05 -22.09
C PRO A 108 -22.36 34.81 -22.55
N ASP A 109 -23.28 35.67 -22.10
CA ASP A 109 -24.68 35.51 -22.48
C ASP A 109 -25.04 36.27 -23.76
N ASP A 110 -24.18 37.15 -24.25
CA ASP A 110 -24.37 37.77 -25.54
C ASP A 110 -23.64 37.04 -26.66
N PHE A 111 -23.06 35.89 -26.36
CA PHE A 111 -22.25 35.14 -27.30
C PHE A 111 -22.98 34.99 -28.61
N THR A 112 -22.37 35.50 -29.68
CA THR A 112 -22.72 35.10 -31.04
C THR A 112 -21.55 34.25 -31.52
N GLY A 113 -21.85 33.03 -31.93
CA GLY A 113 -20.79 32.17 -32.40
C GLY A 113 -21.30 30.75 -32.56
N CYS A 114 -20.38 29.86 -32.89
CA CYS A 114 -20.69 28.45 -33.03
C CYS A 114 -19.85 27.66 -32.05
N VAL A 115 -20.40 26.54 -31.62
CA VAL A 115 -19.73 25.59 -30.75
C VAL A 115 -19.76 24.25 -31.46
N ILE A 116 -18.59 23.69 -31.74
CA ILE A 116 -18.48 22.47 -32.54
C ILE A 116 -17.61 21.47 -31.80
N ALA A 117 -18.10 20.23 -31.69
CA ALA A 117 -17.39 19.22 -30.92
C ALA A 117 -17.70 17.84 -31.46
N TRP A 118 -16.68 16.98 -31.46
CA TRP A 118 -16.79 15.60 -31.94
C TRP A 118 -16.05 14.70 -30.97
N ASN A 119 -16.33 13.40 -31.06
CA ASN A 119 -15.77 12.40 -30.15
C ASN A 119 -14.38 11.99 -30.63
N SER A 120 -13.35 12.25 -29.80
CA SER A 120 -11.97 11.98 -30.20
C SER A 120 -11.36 10.80 -29.46
N ASN A 121 -12.18 9.80 -29.09
CA ASN A 121 -11.67 8.70 -28.28
C ASN A 121 -10.62 7.89 -29.04
N ASN A 122 -10.70 7.85 -30.36
CA ASN A 122 -9.69 7.08 -31.10
C ASN A 122 -8.33 7.76 -31.02
N LEU A 123 -8.30 9.10 -31.12
CA LEU A 123 -7.02 9.80 -31.11
C LEU A 123 -6.53 10.16 -29.72
N ASP A 124 -7.45 10.43 -28.77
CA ASP A 124 -7.11 11.12 -27.54
C ASP A 124 -7.22 10.26 -26.27
N SER A 125 -7.16 8.95 -26.39
CA SER A 125 -7.16 8.13 -25.20
C SER A 125 -6.19 6.98 -25.42
N LYS A 126 -5.70 6.42 -24.31
CA LYS A 126 -4.69 5.37 -24.31
C LYS A 126 -5.11 4.26 -23.35
N VAL A 127 -4.53 3.08 -23.55
CA VAL A 127 -4.89 1.93 -22.73
C VAL A 127 -4.37 2.08 -21.30
N GLY A 128 -3.15 2.60 -21.13
CA GLY A 128 -2.64 2.76 -19.77
C GLY A 128 -3.26 3.90 -18.98
N GLY A 129 -4.01 4.78 -19.64
CA GLY A 129 -4.39 6.06 -19.10
C GLY A 129 -3.67 7.16 -19.83
N ASN A 130 -4.41 7.93 -20.63
CA ASN A 130 -3.92 9.21 -21.13
C ASN A 130 -4.17 10.23 -20.04
N TYR A 131 -3.12 10.54 -19.27
CA TYR A 131 -3.22 11.45 -18.13
C TYR A 131 -2.76 12.86 -18.48
N ASN A 132 -2.93 13.31 -19.74
CA ASN A 132 -2.33 14.56 -20.19
C ASN A 132 -3.30 15.71 -20.35
N TYR A 133 -4.61 15.46 -20.36
CA TYR A 133 -5.60 16.53 -20.44
C TYR A 133 -6.15 16.74 -19.04
N LEU A 134 -6.37 18.00 -18.67
CA LEU A 134 -6.72 18.33 -17.28
C LEU A 134 -7.73 19.46 -17.24
N TYR A 135 -8.58 19.42 -16.23
CA TYR A 135 -9.49 20.51 -15.93
C TYR A 135 -9.29 20.96 -14.49
N ARG A 136 -9.81 22.14 -14.20
CA ARG A 136 -9.64 22.77 -12.89
C ARG A 136 -10.85 22.39 -12.03
N LEU A 137 -10.69 21.39 -11.15
CA LEU A 137 -11.81 20.88 -10.35
C LEU A 137 -12.17 21.84 -9.22
N PHE A 138 -11.22 22.66 -8.82
CA PHE A 138 -11.24 23.45 -7.60
C PHE A 138 -10.85 24.87 -7.94
N ARG A 139 -11.68 25.83 -7.55
CA ARG A 139 -11.32 27.23 -7.74
C ARG A 139 -12.11 28.06 -6.74
N LYS A 140 -11.52 29.17 -6.32
CA LYS A 140 -12.13 29.98 -5.27
C LYS A 140 -13.41 30.66 -5.75
N SER A 141 -13.41 31.18 -6.98
CA SER A 141 -14.57 31.84 -7.57
C SER A 141 -14.72 31.41 -9.02
N ASN A 142 -15.85 31.81 -9.60
CA ASN A 142 -16.15 31.46 -10.98
C ASN A 142 -15.27 32.25 -11.94
N LEU A 143 -15.03 31.67 -13.11
CA LEU A 143 -14.33 32.42 -14.14
C LEU A 143 -15.23 33.52 -14.68
N LYS A 144 -14.60 34.65 -15.02
CA LYS A 144 -15.21 35.60 -15.93
C LYS A 144 -15.27 34.93 -17.31
N PRO A 145 -16.18 35.37 -18.19
CA PRO A 145 -16.24 34.75 -19.52
C PRO A 145 -14.93 34.94 -20.27
N PHE A 146 -14.49 33.89 -20.94
CA PHE A 146 -13.31 33.90 -21.81
C PHE A 146 -12.02 34.26 -21.04
N GLU A 147 -12.00 34.02 -19.72
CA GLU A 147 -10.80 34.17 -18.92
C GLU A 147 -10.05 32.83 -18.85
N ARG A 148 -8.73 32.90 -18.73
CA ARG A 148 -7.92 31.71 -18.63
C ARG A 148 -7.23 31.68 -17.28
N ASP A 149 -7.36 30.56 -16.59
CA ASP A 149 -6.67 30.32 -15.33
C ASP A 149 -5.66 29.21 -15.53
N ILE A 150 -4.39 29.55 -15.31
CA ILE A 150 -3.29 28.60 -15.44
C ILE A 150 -2.62 28.34 -14.12
N SER A 151 -3.24 28.75 -13.01
CA SER A 151 -2.58 28.62 -11.71
C SER A 151 -2.51 27.16 -11.29
N THR A 152 -1.42 26.81 -10.61
CA THR A 152 -1.24 25.50 -10.01
C THR A 152 -0.97 25.64 -8.52
N GLU A 153 -1.59 26.64 -7.90
CA GLU A 153 -1.59 26.71 -6.47
C GLU A 153 -2.36 25.55 -5.89
N ILE A 154 -1.89 25.02 -4.77
CA ILE A 154 -2.50 23.87 -4.12
C ILE A 154 -3.70 24.37 -3.33
N TYR A 155 -4.90 24.03 -3.80
CA TYR A 155 -6.14 24.58 -3.30
C TYR A 155 -6.39 24.21 -1.83
N GLN A 156 -7.30 24.95 -1.20
CA GLN A 156 -7.66 24.77 0.20
C GLN A 156 -9.16 24.63 0.32
N ALA A 157 -9.62 23.47 0.78
CA ALA A 157 -11.04 23.20 1.01
C ALA A 157 -11.44 23.37 2.46
N GLY A 158 -10.70 22.76 3.40
CA GLY A 158 -10.92 22.94 4.81
C GLY A 158 -9.99 24.00 5.39
N SER A 159 -10.27 24.41 6.63
CA SER A 159 -9.63 25.62 7.13
C SER A 159 -8.17 25.42 7.49
N THR A 160 -7.67 24.20 7.49
CA THR A 160 -6.23 24.01 7.71
C THR A 160 -5.46 24.44 6.47
N PRO A 161 -4.37 25.20 6.63
CA PRO A 161 -3.62 25.71 5.47
C PRO A 161 -2.91 24.58 4.71
N CYS A 162 -2.13 24.93 3.69
CA CYS A 162 -1.61 23.89 2.81
C CYS A 162 -0.09 23.79 2.73
N ASN A 163 0.66 24.85 3.03
CA ASN A 163 2.12 24.86 2.85
C ASN A 163 2.52 24.33 1.47
N GLY A 164 1.73 24.67 0.44
CA GLY A 164 2.06 24.34 -0.93
C GLY A 164 2.10 22.87 -1.34
N VAL A 165 1.90 21.97 -0.38
CA VAL A 165 1.87 20.53 -0.65
C VAL A 165 0.42 20.04 -0.58
N GLU A 166 0.19 18.88 -1.20
CA GLU A 166 -1.12 18.26 -1.20
C GLU A 166 -1.32 17.39 0.06
N GLY A 167 -2.59 17.18 0.41
CA GLY A 167 -2.94 16.41 1.57
C GLY A 167 -4.42 16.59 1.82
N PHE A 168 -4.91 15.94 2.88
CA PHE A 168 -6.35 15.97 3.10
C PHE A 168 -6.84 17.39 3.24
N ASN A 169 -7.93 17.69 2.53
CA ASN A 169 -8.54 19.00 2.44
C ASN A 169 -7.59 20.07 1.90
N CYS A 170 -6.47 19.66 1.29
CA CYS A 170 -5.58 20.55 0.52
C CYS A 170 -5.25 19.80 -0.77
N TYR A 171 -6.05 19.99 -1.82
CA TYR A 171 -5.92 19.18 -3.02
C TYR A 171 -5.36 19.98 -4.19
N PHE A 172 -4.67 19.28 -5.09
CA PHE A 172 -4.09 19.93 -6.25
C PHE A 172 -5.22 20.36 -7.20
N PRO A 173 -5.20 21.61 -7.72
CA PRO A 173 -6.40 22.10 -8.40
C PRO A 173 -6.73 21.35 -9.69
N LEU A 174 -5.80 20.58 -10.27
CA LEU A 174 -5.98 20.05 -11.62
C LEU A 174 -6.08 18.53 -11.63
N GLN A 175 -7.28 18.04 -11.97
CA GLN A 175 -7.60 16.63 -12.04
C GLN A 175 -7.48 16.11 -13.47
N SER A 176 -6.55 15.18 -13.68
CA SER A 176 -6.33 14.67 -15.03
C SER A 176 -7.52 13.83 -15.48
N TYR A 177 -7.97 14.02 -16.72
CA TYR A 177 -8.92 13.09 -17.29
C TYR A 177 -8.26 11.72 -17.43
N GLY A 178 -8.97 10.68 -17.07
CA GLY A 178 -8.29 9.39 -17.06
C GLY A 178 -8.51 8.59 -18.30
N PHE A 179 -8.21 9.19 -19.47
CA PHE A 179 -8.80 8.76 -20.73
C PHE A 179 -8.34 7.35 -21.07
N GLN A 180 -9.27 6.42 -20.99
CA GLN A 180 -9.06 5.11 -21.56
C GLN A 180 -10.15 4.86 -22.59
N PRO A 181 -9.87 4.04 -23.61
CA PRO A 181 -10.89 3.81 -24.66
C PRO A 181 -12.06 2.98 -24.16
N THR A 182 -11.82 2.08 -23.19
CA THR A 182 -12.83 1.24 -22.57
C THR A 182 -13.87 2.04 -21.79
N ASN A 183 -13.69 3.34 -21.65
CA ASN A 183 -14.61 4.16 -20.88
C ASN A 183 -16.00 4.18 -21.51
N GLY A 184 -16.97 4.62 -20.73
CA GLY A 184 -18.30 4.86 -21.24
C GLY A 184 -18.38 6.19 -21.94
N VAL A 185 -19.45 6.35 -22.74
CA VAL A 185 -19.56 7.48 -23.66
C VAL A 185 -19.31 8.81 -22.96
N GLY A 186 -19.87 8.98 -21.76
CA GLY A 186 -19.79 10.25 -21.05
C GLY A 186 -18.39 10.62 -20.60
N TYR A 187 -17.51 9.63 -20.42
CA TYR A 187 -16.18 9.82 -19.88
C TYR A 187 -15.10 9.57 -20.94
N GLN A 188 -15.48 9.62 -22.23
CA GLN A 188 -14.72 9.62 -23.46
C GLN A 188 -14.40 11.04 -23.88
N PRO A 189 -13.23 11.24 -24.47
CA PRO A 189 -12.79 12.59 -24.82
C PRO A 189 -13.56 13.16 -25.99
N TYR A 190 -14.01 14.40 -25.86
CA TYR A 190 -14.63 15.13 -26.96
C TYR A 190 -13.76 16.34 -27.24
N ARG A 191 -13.29 16.46 -28.49
CA ARG A 191 -12.56 17.63 -28.93
C ARG A 191 -13.55 18.74 -29.28
N VAL A 192 -13.18 19.98 -28.98
CA VAL A 192 -14.12 21.10 -29.11
C VAL A 192 -13.44 22.29 -29.78
N VAL A 193 -14.21 23.02 -30.60
CA VAL A 193 -13.78 24.29 -31.17
C VAL A 193 -14.94 25.29 -31.09
N VAL A 194 -14.66 26.47 -30.53
CA VAL A 194 -15.66 27.54 -30.40
C VAL A 194 -15.27 28.68 -31.32
N LEU A 195 -16.16 29.02 -32.24
CA LEU A 195 -15.98 30.15 -33.12
C LEU A 195 -16.74 31.33 -32.54
N SER A 196 -16.03 32.35 -32.08
CA SER A 196 -16.62 33.63 -31.73
C SER A 196 -16.37 34.61 -32.87
N PHE A 197 -17.34 35.48 -33.13
CA PHE A 197 -17.28 36.43 -34.23
C PHE A 197 -17.40 37.83 -33.67
N GLU A 198 -16.33 38.62 -33.81
CA GLU A 198 -16.32 39.97 -33.29
C GLU A 198 -16.62 40.99 -34.40
N LEU A 199 -17.26 42.09 -34.01
CA LEU A 199 -17.50 43.22 -34.90
C LEU A 199 -17.05 44.49 -34.22
N LEU A 200 -16.04 45.15 -34.78
CA LEU A 200 -15.59 46.43 -34.26
C LEU A 200 -15.43 47.37 -35.44
N HIS A 201 -15.14 48.64 -35.14
CA HIS A 201 -15.08 49.69 -36.16
C HIS A 201 -14.04 49.39 -37.24
N ALA A 202 -13.02 48.60 -36.90
CA ALA A 202 -12.02 48.19 -37.87
C ALA A 202 -12.69 47.46 -39.04
N PRO A 203 -12.12 47.56 -40.24
CA PRO A 203 -12.69 46.86 -41.39
C PRO A 203 -12.81 45.35 -41.20
N ALA A 204 -13.55 44.72 -42.10
CA ALA A 204 -13.78 43.28 -42.04
C ALA A 204 -12.59 42.53 -42.64
N THR A 205 -12.28 41.36 -42.07
CA THR A 205 -11.16 40.56 -42.53
C THR A 205 -11.50 39.10 -42.79
N VAL A 206 -12.61 38.57 -42.27
CA VAL A 206 -13.00 37.17 -42.47
C VAL A 206 -14.38 37.14 -43.12
N CYS A 207 -14.48 36.57 -44.32
CA CYS A 207 -15.66 36.71 -45.18
C CYS A 207 -16.02 35.37 -45.83
N GLY A 208 -16.87 35.43 -46.86
CA GLY A 208 -17.36 34.26 -47.57
C GLY A 208 -17.47 34.44 -49.07
N GLN B 1 -16.71 -5.00 0.38
CA GLN B 1 -15.60 -5.55 1.17
C GLN B 1 -14.30 -4.91 0.76
N VAL B 2 -13.95 -3.76 1.34
CA VAL B 2 -12.77 -3.04 0.91
C VAL B 2 -11.52 -3.91 1.10
N GLN B 3 -10.74 -4.06 0.04
CA GLN B 3 -9.57 -4.94 0.07
C GLN B 3 -8.60 -4.54 -1.03
N LEU B 4 -7.32 -4.43 -0.67
CA LEU B 4 -6.23 -4.15 -1.61
C LEU B 4 -5.31 -5.35 -1.62
N VAL B 5 -5.35 -6.12 -2.72
CA VAL B 5 -4.50 -7.28 -2.87
C VAL B 5 -3.19 -6.85 -3.53
N GLU B 6 -2.11 -7.13 -2.89
CA GLU B 6 -0.85 -6.74 -3.47
C GLU B 6 -0.19 -7.92 -4.05
N SER B 7 0.63 -7.72 -5.06
CA SER B 7 1.35 -8.84 -5.65
C SER B 7 2.64 -8.49 -6.27
N GLY B 8 3.45 -9.50 -6.46
CA GLY B 8 4.75 -9.36 -7.06
C GLY B 8 5.76 -9.64 -5.98
N GLY B 9 6.82 -8.87 -5.93
CA GLY B 9 7.68 -8.99 -4.79
C GLY B 9 8.58 -10.22 -4.86
N GLY B 10 9.60 -10.21 -4.01
CA GLY B 10 10.48 -11.36 -3.93
C GLY B 10 11.93 -10.96 -4.12
N LEU B 11 12.76 -11.95 -4.46
CA LEU B 11 14.21 -11.82 -4.38
C LEU B 11 14.74 -11.21 -5.66
N VAL B 12 15.38 -10.04 -5.54
CA VAL B 12 15.88 -9.30 -6.69
C VAL B 12 17.39 -9.17 -6.57
N LYS B 13 18.10 -9.73 -7.54
CA LYS B 13 19.53 -9.50 -7.65
C LYS B 13 19.79 -7.99 -7.60
N PRO B 14 20.65 -7.52 -6.70
CA PRO B 14 20.84 -6.06 -6.56
C PRO B 14 21.28 -5.42 -7.87
N GLY B 15 20.73 -4.25 -8.14
CA GLY B 15 20.85 -3.62 -9.43
C GLY B 15 19.70 -3.89 -10.37
N GLY B 16 19.02 -5.02 -10.21
CA GLY B 16 17.89 -5.37 -11.04
C GLY B 16 16.66 -4.53 -10.73
N SER B 17 15.53 -4.95 -11.27
CA SER B 17 14.28 -4.23 -11.09
C SER B 17 13.16 -5.21 -10.73
N LEU B 18 12.12 -4.69 -10.08
CA LEU B 18 10.91 -5.44 -9.80
C LEU B 18 9.70 -4.52 -9.88
N ARG B 19 8.56 -5.10 -10.27
CA ARG B 19 7.28 -4.40 -10.37
C ARG B 19 6.40 -4.88 -9.22
N LEU B 20 5.64 -3.95 -8.64
CA LEU B 20 4.74 -4.23 -7.53
C LEU B 20 3.33 -3.78 -7.90
N SER B 21 2.35 -4.66 -7.67
CA SER B 21 1.00 -4.47 -8.18
C SER B 21 -0.02 -4.64 -7.06
N CYS B 22 -1.08 -3.82 -7.09
CA CYS B 22 -2.03 -3.66 -5.98
C CYS B 22 -3.46 -3.72 -6.54
N ALA B 23 -4.12 -4.87 -6.45
CA ALA B 23 -5.43 -5.08 -7.06
C ALA B 23 -6.53 -4.54 -6.16
N ALA B 24 -7.23 -3.50 -6.58
CA ALA B 24 -8.20 -2.83 -5.72
C ALA B 24 -9.63 -3.31 -6.00
N SER B 25 -10.33 -3.68 -4.93
CA SER B 25 -11.73 -4.04 -4.97
C SER B 25 -12.43 -3.33 -3.81
N GLY B 26 -13.75 -3.39 -3.80
CA GLY B 26 -14.53 -2.97 -2.65
C GLY B 26 -14.83 -1.49 -2.53
N PHE B 27 -14.24 -0.62 -3.36
CA PHE B 27 -14.54 0.81 -3.28
C PHE B 27 -14.37 1.49 -4.64
N THR B 28 -14.71 2.78 -4.70
CA THR B 28 -14.52 3.58 -5.91
C THR B 28 -13.06 4.06 -5.93
N PHE B 29 -12.18 3.15 -6.38
CA PHE B 29 -10.72 3.35 -6.31
C PHE B 29 -10.29 4.69 -6.91
N SER B 30 -10.97 5.12 -7.98
CA SER B 30 -10.68 6.34 -8.74
C SER B 30 -11.01 7.62 -7.97
N ASP B 31 -11.54 7.50 -6.74
CA ASP B 31 -11.82 8.62 -5.85
C ASP B 31 -10.67 8.90 -4.87
N TYR B 32 -9.87 7.87 -4.58
CA TYR B 32 -8.90 7.84 -3.49
C TYR B 32 -7.48 8.09 -3.96
N TYR B 33 -6.74 8.91 -3.21
CA TYR B 33 -5.29 8.97 -3.34
C TYR B 33 -4.70 7.60 -2.98
N MET B 34 -3.43 7.39 -3.32
CA MET B 34 -2.84 6.08 -3.06
C MET B 34 -1.37 6.23 -2.72
N SER B 35 -0.84 5.25 -2.00
CA SER B 35 0.52 5.38 -1.50
C SER B 35 1.23 4.04 -1.39
N TRP B 36 2.55 4.14 -1.49
CA TRP B 36 3.48 3.04 -1.39
C TRP B 36 4.36 3.31 -0.17
N ILE B 37 4.26 2.44 0.84
CA ILE B 37 4.95 2.59 2.12
C ILE B 37 5.64 1.27 2.44
N ARG B 38 6.93 1.34 2.73
CA ARG B 38 7.74 0.15 2.97
C ARG B 38 8.18 0.11 4.42
N GLN B 39 8.49 -1.11 4.90
CA GLN B 39 8.81 -1.33 6.30
C GLN B 39 9.95 -2.34 6.41
N ALA B 40 11.18 -1.85 6.63
CA ALA B 40 12.36 -2.71 6.81
C ALA B 40 12.08 -3.75 7.90
N PRO B 41 12.87 -4.82 8.03
CA PRO B 41 12.53 -5.85 9.03
C PRO B 41 12.59 -5.29 10.44
N GLY B 42 11.42 -5.24 11.10
CA GLY B 42 11.34 -4.71 12.46
C GLY B 42 11.82 -3.28 12.62
N LYS B 43 11.50 -2.40 11.67
CA LYS B 43 11.80 -0.98 11.74
C LYS B 43 10.50 -0.23 11.44
N GLY B 44 10.59 1.10 11.38
CA GLY B 44 9.40 1.92 11.26
C GLY B 44 8.61 1.76 9.98
N LEU B 45 7.59 2.60 9.79
CA LEU B 45 6.93 2.73 8.50
C LEU B 45 7.57 3.89 7.75
N GLU B 46 8.12 3.60 6.57
CA GLU B 46 8.64 4.62 5.65
C GLU B 46 7.69 4.76 4.47
N TRP B 47 7.01 5.90 4.42
CA TRP B 47 6.30 6.32 3.23
C TRP B 47 7.29 6.60 2.11
N VAL B 48 6.94 6.17 0.89
CA VAL B 48 7.85 6.21 -0.23
C VAL B 48 7.35 7.08 -1.38
N SER B 49 6.06 7.02 -1.70
CA SER B 49 5.55 7.75 -2.86
C SER B 49 4.03 7.79 -2.83
N TYR B 50 3.46 8.69 -3.62
CA TYR B 50 2.00 8.74 -3.77
C TYR B 50 1.62 9.23 -5.16
N ILE B 51 0.33 9.06 -5.47
CA ILE B 51 -0.23 9.46 -6.76
C ILE B 51 -1.64 9.96 -6.52
N SER B 52 -1.98 11.10 -7.11
CA SER B 52 -3.27 11.72 -6.87
C SER B 52 -4.39 10.77 -7.29
N SER B 53 -5.64 11.13 -7.00
CA SER B 53 -6.76 10.27 -7.37
C SER B 53 -6.92 10.17 -8.89
N SER B 54 -6.51 11.22 -9.61
CA SER B 54 -6.55 11.32 -11.06
C SER B 54 -5.22 10.97 -11.73
N GLY B 55 -4.17 10.71 -10.95
CA GLY B 55 -2.85 10.57 -11.51
C GLY B 55 -2.26 11.86 -12.02
N SER B 56 -2.97 12.97 -11.86
CA SER B 56 -2.40 14.26 -12.21
C SER B 56 -1.10 14.49 -11.44
N THR B 57 -1.11 14.25 -10.14
CA THR B 57 0.00 14.63 -9.28
C THR B 57 0.74 13.41 -8.77
N ILE B 58 2.02 13.58 -8.48
CA ILE B 58 2.89 12.48 -8.07
C ILE B 58 4.12 13.06 -7.39
N TYR B 59 4.54 12.43 -6.29
CA TYR B 59 5.76 12.80 -5.54
C TYR B 59 6.42 11.52 -5.03
N TYR B 60 7.75 11.56 -4.88
CA TYR B 60 8.53 10.45 -4.36
C TYR B 60 9.38 10.91 -3.17
N ALA B 61 9.63 9.97 -2.26
CA ALA B 61 10.57 10.21 -1.17
C ALA B 61 11.97 10.44 -1.75
N ASP B 62 12.79 11.18 -1.01
CA ASP B 62 14.18 11.34 -1.43
C ASP B 62 14.90 10.01 -1.42
N SER B 63 14.39 9.04 -0.66
CA SER B 63 15.01 7.73 -0.61
C SER B 63 14.82 6.94 -1.90
N VAL B 64 13.83 7.32 -2.72
CA VAL B 64 13.54 6.63 -3.96
C VAL B 64 13.37 7.57 -5.14
N LYS B 65 13.59 8.87 -4.99
CA LYS B 65 13.26 9.81 -6.06
C LYS B 65 14.07 9.50 -7.31
N GLY B 66 13.39 9.47 -8.46
CA GLY B 66 14.03 9.14 -9.71
C GLY B 66 14.21 7.65 -9.90
N ARG B 67 14.43 6.92 -8.79
CA ARG B 67 14.68 5.49 -8.84
C ARG B 67 13.38 4.68 -8.99
N PHE B 68 12.33 5.06 -8.29
CA PHE B 68 11.05 4.37 -8.40
C PHE B 68 10.08 5.17 -9.26
N THR B 69 9.21 4.44 -9.98
CA THR B 69 8.16 5.04 -10.79
C THR B 69 6.81 4.47 -10.35
N ILE B 70 5.93 5.34 -9.80
CA ILE B 70 4.59 4.97 -9.33
C ILE B 70 3.59 5.27 -10.45
N SER B 71 2.54 4.45 -10.54
CA SER B 71 1.56 4.61 -11.59
C SER B 71 0.23 4.03 -11.16
N ARG B 72 -0.84 4.51 -11.78
CA ARG B 72 -2.15 3.91 -11.60
C ARG B 72 -2.86 3.75 -12.94
N ASP B 73 -3.57 2.64 -13.07
CA ASP B 73 -4.54 2.40 -14.12
C ASP B 73 -5.90 2.47 -13.45
N ASN B 74 -6.84 3.23 -14.01
CA ASN B 74 -8.10 3.44 -13.29
C ASN B 74 -9.27 2.65 -13.84
N ALA B 75 -9.10 1.91 -14.93
CA ALA B 75 -10.17 1.02 -15.38
C ALA B 75 -10.00 -0.36 -14.75
N LYS B 76 -8.83 -0.99 -14.93
CA LYS B 76 -8.37 -2.00 -13.98
C LYS B 76 -7.96 -1.25 -12.75
N ASN B 77 -8.62 -1.52 -11.64
CA ASN B 77 -8.45 -0.59 -10.54
C ASN B 77 -7.01 -0.59 -9.94
N SER B 78 -5.99 -1.27 -10.47
CA SER B 78 -4.72 -1.48 -9.79
C SER B 78 -3.90 -0.19 -9.60
N LEU B 79 -2.89 -0.29 -8.73
CA LEU B 79 -1.85 0.71 -8.55
C LEU B 79 -0.50 0.01 -8.61
N TYR B 80 0.45 0.61 -9.32
CA TYR B 80 1.69 -0.05 -9.69
C TYR B 80 2.88 0.73 -9.15
N LEU B 81 3.96 0.00 -8.82
CA LEU B 81 5.24 0.59 -8.45
C LEU B 81 6.36 -0.13 -9.18
N GLN B 82 7.07 0.60 -10.04
CA GLN B 82 8.23 0.09 -10.77
C GLN B 82 9.49 0.52 -10.03
N MET B 83 10.21 -0.47 -9.45
CA MET B 83 11.38 -0.22 -8.60
C MET B 83 12.64 -0.62 -9.36
N ASN B 84 13.50 0.38 -9.65
CA ASN B 84 14.72 0.18 -10.41
C ASN B 84 15.96 0.51 -9.57
N SER B 85 17.08 -0.13 -9.94
CA SER B 85 18.36 0.04 -9.27
C SER B 85 18.23 -0.24 -7.77
N LEU B 86 17.76 -1.45 -7.47
CA LEU B 86 17.51 -1.84 -6.08
C LEU B 86 18.82 -2.01 -5.32
N ARG B 87 18.79 -1.65 -4.03
CA ARG B 87 19.98 -1.62 -3.19
C ARG B 87 19.88 -2.65 -2.09
N ALA B 88 20.98 -2.79 -1.35
CA ALA B 88 20.95 -3.52 -0.09
C ALA B 88 19.87 -2.95 0.82
N GLU B 89 19.84 -1.63 0.97
CA GLU B 89 18.91 -1.00 1.91
C GLU B 89 17.45 -1.17 1.51
N ASP B 90 17.17 -1.33 0.22
CA ASP B 90 15.78 -1.38 -0.24
C ASP B 90 15.05 -2.64 0.19
N THR B 91 15.72 -3.56 0.89
CA THR B 91 15.07 -4.76 1.42
C THR B 91 13.98 -4.39 2.41
N ALA B 92 12.72 -4.66 2.09
CA ALA B 92 11.64 -4.31 3.01
C ALA B 92 10.41 -5.09 2.63
N VAL B 93 9.43 -5.08 3.52
CA VAL B 93 8.07 -5.41 3.16
C VAL B 93 7.44 -4.11 2.65
N TYR B 94 6.73 -4.20 1.52
CA TYR B 94 6.18 -3.05 0.84
C TYR B 94 4.65 -3.11 0.90
N TYR B 95 4.03 -2.02 1.32
CA TYR B 95 2.58 -1.93 1.51
C TYR B 95 2.01 -0.86 0.60
N CYS B 96 0.87 -1.13 -0.03
CA CYS B 96 0.06 -0.11 -0.70
C CYS B 96 -1.13 0.26 0.18
N ALA B 97 -1.65 1.47 0.00
CA ALA B 97 -2.63 1.93 0.96
C ALA B 97 -3.46 3.05 0.36
N ARG B 98 -4.78 2.97 0.52
CA ARG B 98 -5.60 4.12 0.17
C ARG B 98 -5.41 5.18 1.23
N ASP B 99 -5.16 6.42 0.79
CA ASP B 99 -4.89 7.47 1.76
C ASP B 99 -6.15 8.22 2.13
N PHE B 100 -6.89 8.71 1.14
CA PHE B 100 -8.18 9.34 1.38
C PHE B 100 -8.88 9.66 0.06
N SER B 101 -10.20 9.62 0.07
CA SER B 101 -10.99 10.23 -0.97
C SER B 101 -11.00 11.76 -0.80
N HIS B 102 -11.70 12.46 -1.69
CA HIS B 102 -11.96 13.88 -1.46
C HIS B 102 -12.83 14.10 -0.21
N GLN B 103 -13.42 13.03 0.33
CA GLN B 103 -14.52 13.12 1.29
C GLN B 103 -14.43 12.14 2.46
N GLN B 104 -13.68 11.05 2.39
CA GLN B 104 -13.62 10.07 3.47
C GLN B 104 -12.16 9.82 3.80
N LEU B 105 -11.71 10.39 4.93
CA LEU B 105 -10.31 10.33 5.38
C LEU B 105 -9.98 8.97 5.99
N VAL B 106 -10.31 7.89 5.29
CA VAL B 106 -10.32 6.57 5.88
C VAL B 106 -9.27 5.71 5.18
N PRO B 107 -8.06 5.64 5.72
CA PRO B 107 -7.05 4.73 5.18
C PRO B 107 -7.47 3.26 5.16
N SER B 108 -6.63 2.47 4.50
CA SER B 108 -6.72 1.01 4.43
C SER B 108 -5.49 0.50 3.70
N TRP B 109 -5.06 -0.70 4.06
CA TRP B 109 -3.77 -1.18 3.62
C TRP B 109 -3.91 -2.57 3.00
N GLY B 110 -2.84 -2.98 2.30
CA GLY B 110 -2.76 -4.29 1.70
C GLY B 110 -1.82 -5.18 2.48
N GLN B 111 -1.77 -6.43 2.06
CA GLN B 111 -1.09 -7.43 2.87
C GLN B 111 0.43 -7.38 2.77
N GLY B 112 1.02 -6.61 1.86
CA GLY B 112 2.46 -6.46 1.78
C GLY B 112 3.14 -7.54 0.94
N THR B 113 4.38 -7.23 0.50
CA THR B 113 5.18 -8.17 -0.28
C THR B 113 6.66 -8.04 0.07
N LEU B 114 7.32 -9.18 0.23
CA LEU B 114 8.68 -9.20 0.76
C LEU B 114 9.66 -8.98 -0.38
N VAL B 115 10.03 -7.72 -0.58
CA VAL B 115 11.07 -7.41 -1.57
C VAL B 115 12.42 -7.63 -0.90
N THR B 116 13.15 -8.62 -1.39
CA THR B 116 14.33 -9.13 -0.70
C THR B 116 15.54 -8.97 -1.63
N VAL B 117 16.27 -7.87 -1.50
CA VAL B 117 17.28 -7.48 -2.49
C VAL B 117 18.65 -7.98 -2.04
N SER B 118 19.04 -9.16 -2.53
CA SER B 118 20.41 -9.66 -2.33
C SER B 118 20.80 -10.58 -3.49
N SER B 119 22.00 -11.15 -3.38
CA SER B 119 22.60 -11.92 -4.47
C SER B 119 22.52 -13.42 -4.30
N ALA B 120 21.84 -13.92 -3.27
CA ALA B 120 21.88 -15.36 -3.01
C ALA B 120 20.82 -16.08 -3.83
N SER B 121 21.24 -17.14 -4.53
CA SER B 121 20.29 -17.94 -5.30
C SER B 121 19.26 -18.59 -4.37
N THR B 122 18.04 -18.73 -4.89
CA THR B 122 16.96 -19.31 -4.12
C THR B 122 17.19 -20.81 -3.92
N LYS B 123 17.12 -21.26 -2.67
CA LYS B 123 17.24 -22.66 -2.32
C LYS B 123 15.97 -23.14 -1.63
N GLY B 124 15.53 -24.35 -1.99
CA GLY B 124 14.43 -24.97 -1.32
C GLY B 124 14.90 -25.60 -0.03
N PRO B 125 14.06 -25.56 1.01
CA PRO B 125 14.47 -26.10 2.31
C PRO B 125 14.53 -27.62 2.33
N SER B 126 14.81 -28.16 3.50
CA SER B 126 14.64 -29.58 3.81
C SER B 126 13.77 -29.67 5.05
N VAL B 127 12.93 -30.70 5.11
CA VAL B 127 11.95 -30.83 6.17
C VAL B 127 12.11 -32.18 6.86
N PHE B 128 12.41 -32.15 8.17
CA PHE B 128 12.58 -33.29 9.05
C PHE B 128 11.57 -33.23 10.20
N PRO B 129 11.02 -34.37 10.61
CA PRO B 129 10.04 -34.37 11.70
C PRO B 129 10.70 -34.15 13.06
N LEU B 130 9.94 -33.53 13.94
CA LEU B 130 10.27 -33.50 15.36
C LEU B 130 9.23 -34.43 16.00
N ALA B 131 9.56 -35.73 16.00
CA ALA B 131 8.61 -36.75 16.43
C ALA B 131 8.47 -36.74 17.95
N PRO B 132 7.31 -37.17 18.44
CA PRO B 132 7.08 -37.17 19.89
C PRO B 132 7.96 -38.18 20.62
N SER B 133 8.06 -37.99 21.94
CA SER B 133 8.88 -38.85 22.81
C SER B 133 8.15 -40.13 23.20
C GLY B 140 -0.26 -35.77 29.13
N THR B 141 0.68 -35.27 28.32
CA THR B 141 0.41 -34.61 27.05
C THR B 141 1.71 -34.57 26.22
N ALA B 142 1.58 -34.71 24.89
CA ALA B 142 2.71 -34.95 23.99
C ALA B 142 2.92 -33.78 23.04
N ALA B 143 4.17 -33.62 22.57
CA ALA B 143 4.55 -32.48 21.73
C ALA B 143 5.42 -32.96 20.57
N LEU B 144 4.92 -32.75 19.34
CA LEU B 144 5.58 -33.09 18.08
C LEU B 144 5.72 -31.85 17.21
N GLY B 145 6.60 -31.93 16.21
CA GLY B 145 6.90 -30.77 15.41
C GLY B 145 7.53 -31.07 14.06
N CYS B 146 8.00 -30.00 13.42
CA CYS B 146 8.58 -30.02 12.09
C CYS B 146 9.82 -29.16 12.04
N LEU B 147 10.81 -29.57 11.25
CA LEU B 147 12.10 -28.90 11.16
C LEU B 147 12.31 -28.43 9.72
N VAL B 148 12.34 -27.11 9.51
CA VAL B 148 12.54 -26.52 8.20
C VAL B 148 13.93 -25.90 8.17
N LYS B 149 14.81 -26.43 7.34
CA LYS B 149 16.22 -26.08 7.38
C LYS B 149 16.70 -25.67 6.00
N ASP B 150 17.64 -24.72 5.97
CA ASP B 150 18.45 -24.42 4.78
C ASP B 150 17.59 -23.97 3.59
N TYR B 151 16.83 -22.90 3.80
CA TYR B 151 16.05 -22.31 2.71
C TYR B 151 16.48 -20.87 2.47
N PHE B 152 16.00 -20.30 1.37
CA PHE B 152 16.26 -18.92 1.01
C PHE B 152 15.45 -18.54 -0.23
N PRO B 153 14.96 -17.30 -0.34
CA PRO B 153 14.92 -16.30 0.72
C PRO B 153 13.70 -16.55 1.55
N GLU B 154 13.28 -15.55 2.26
CA GLU B 154 12.05 -15.78 2.99
C GLU B 154 10.85 -15.47 2.10
N PRO B 155 9.65 -15.97 2.45
CA PRO B 155 9.34 -16.77 3.64
C PRO B 155 9.01 -18.23 3.39
N VAL B 156 8.94 -19.00 4.46
CA VAL B 156 8.28 -20.30 4.46
C VAL B 156 6.86 -20.06 4.93
N THR B 157 6.01 -21.09 4.83
CA THR B 157 4.77 -21.13 5.58
C THR B 157 4.56 -22.57 6.03
N VAL B 158 4.42 -22.77 7.33
CA VAL B 158 4.06 -24.09 7.84
C VAL B 158 2.59 -24.07 8.23
N SER B 159 1.93 -25.18 7.97
CA SER B 159 0.53 -25.37 8.30
C SER B 159 0.39 -26.82 8.68
N TRP B 160 -0.35 -27.07 9.75
CA TRP B 160 -0.45 -28.41 10.32
C TRP B 160 -1.78 -29.02 9.93
N ASN B 161 -1.73 -30.20 9.32
CA ASN B 161 -2.91 -30.85 8.78
C ASN B 161 -3.77 -29.87 7.99
N SER B 162 -3.11 -29.15 7.06
CA SER B 162 -3.79 -28.42 5.99
C SER B 162 -4.70 -27.34 6.55
N GLY B 163 -4.21 -26.65 7.57
CA GLY B 163 -4.96 -25.61 8.22
C GLY B 163 -6.16 -26.08 9.01
N ALA B 164 -6.27 -27.40 9.27
CA ALA B 164 -7.30 -27.98 10.12
C ALA B 164 -6.82 -28.22 11.56
N LEU B 165 -5.57 -27.92 11.85
CA LEU B 165 -4.98 -28.06 13.18
C LEU B 165 -4.29 -26.74 13.49
N THR B 166 -5.00 -25.83 14.17
CA THR B 166 -4.47 -24.50 14.53
C THR B 166 -4.52 -24.24 16.04
N SER B 167 -4.98 -25.19 16.83
CA SER B 167 -5.02 -25.04 18.27
C SER B 167 -3.82 -25.76 18.86
N GLY B 168 -2.85 -25.02 19.37
CA GLY B 168 -1.68 -25.60 19.97
C GLY B 168 -0.44 -25.56 19.11
N VAL B 169 -0.47 -24.85 18.01
CA VAL B 169 0.68 -24.72 17.10
C VAL B 169 1.50 -23.52 17.51
N HIS B 170 2.82 -23.69 17.51
CA HIS B 170 3.74 -22.58 17.62
C HIS B 170 4.76 -22.76 16.49
N THR B 171 4.62 -21.98 15.42
CA THR B 171 5.66 -21.85 14.40
C THR B 171 6.55 -20.66 14.73
N PHE B 172 7.85 -20.88 14.75
CA PHE B 172 8.82 -19.94 15.29
C PHE B 172 9.36 -19.03 14.20
N PRO B 173 10.05 -17.96 14.58
CA PRO B 173 10.78 -17.18 13.58
C PRO B 173 11.98 -17.91 13.02
N ALA B 174 12.40 -17.41 11.86
CA ALA B 174 13.52 -17.99 11.12
C ALA B 174 14.83 -17.55 11.74
N VAL B 175 15.63 -18.51 12.13
CA VAL B 175 16.99 -18.24 12.59
C VAL B 175 17.90 -18.22 11.36
N LEU B 176 18.68 -17.16 11.21
CA LEU B 176 19.60 -17.03 10.07
C LEU B 176 20.90 -17.73 10.41
N GLN B 177 21.17 -18.85 9.74
CA GLN B 177 22.32 -19.65 10.11
C GLN B 177 23.61 -18.98 9.64
N SER B 178 24.74 -19.51 10.13
CA SER B 178 26.06 -19.06 9.70
C SER B 178 26.31 -19.33 8.24
N SER B 179 25.63 -20.31 7.64
CA SER B 179 25.74 -20.59 6.22
C SER B 179 25.09 -19.51 5.37
N GLY B 180 24.26 -18.65 5.95
CA GLY B 180 23.48 -17.71 5.18
C GLY B 180 22.09 -18.23 4.87
N LEU B 181 21.73 -19.41 5.35
CA LEU B 181 20.42 -20.00 5.10
C LEU B 181 19.53 -19.93 6.34
N TYR B 182 18.25 -19.65 6.12
CA TYR B 182 17.30 -19.59 7.21
C TYR B 182 16.89 -20.99 7.62
N SER B 183 16.68 -21.15 8.93
CA SER B 183 16.07 -22.33 9.51
C SER B 183 14.80 -21.95 10.23
N LEU B 184 13.84 -22.86 10.25
CA LEU B 184 12.60 -22.69 10.97
C LEU B 184 12.37 -23.89 11.86
N SER B 185 11.35 -23.77 12.68
CA SER B 185 10.92 -24.83 13.58
C SER B 185 9.45 -24.59 13.86
N SER B 186 8.61 -25.61 13.68
CA SER B 186 7.20 -25.47 13.97
C SER B 186 6.70 -26.70 14.71
N VAL B 187 6.06 -26.49 15.87
CA VAL B 187 5.67 -27.54 16.80
C VAL B 187 4.24 -27.34 17.28
N VAL B 188 3.57 -28.47 17.51
CA VAL B 188 2.17 -28.48 17.90
C VAL B 188 2.01 -29.51 19.00
N THR B 189 1.38 -29.11 20.12
CA THR B 189 1.11 -30.02 21.23
C THR B 189 -0.28 -30.61 21.07
N VAL B 190 -0.44 -31.85 21.55
CA VAL B 190 -1.64 -32.65 21.28
C VAL B 190 -2.01 -33.53 22.48
N PRO B 191 -3.31 -33.97 22.58
CA PRO B 191 -3.64 -35.09 23.47
C PRO B 191 -2.71 -36.26 23.28
N SER B 192 -1.92 -36.56 24.31
CA SER B 192 -1.05 -37.72 24.31
C SER B 192 -1.79 -38.97 23.83
N SER B 193 -3.04 -39.17 24.31
CA SER B 193 -3.76 -40.40 24.02
C SER B 193 -4.17 -40.50 22.54
N SER B 194 -4.42 -39.37 21.89
CA SER B 194 -4.86 -39.36 20.52
C SER B 194 -3.74 -39.65 19.53
N LEU B 195 -2.63 -40.29 19.95
CA LEU B 195 -1.47 -40.32 19.05
C LEU B 195 -1.54 -41.45 18.03
N GLY B 196 -1.81 -42.68 18.44
CA GLY B 196 -1.92 -43.77 17.47
C GLY B 196 -3.16 -43.70 16.60
N THR B 197 -4.14 -42.87 16.99
CA THR B 197 -5.45 -42.75 16.35
C THR B 197 -5.50 -41.63 15.31
N GLN B 198 -4.98 -40.45 15.65
CA GLN B 198 -5.01 -39.28 14.77
C GLN B 198 -3.65 -39.10 14.10
N THR B 199 -3.67 -38.90 12.79
CA THR B 199 -2.47 -38.75 11.98
C THR B 199 -2.07 -37.28 11.89
N TYR B 200 -0.79 -36.98 12.14
CA TYR B 200 -0.29 -35.60 12.18
C TYR B 200 0.71 -35.39 11.06
N ILE B 201 0.37 -34.46 10.15
CA ILE B 201 1.13 -34.17 8.92
C ILE B 201 1.34 -32.66 8.84
N CYS B 202 2.58 -32.23 8.60
CA CYS B 202 2.91 -30.81 8.51
C CYS B 202 3.16 -30.44 7.06
N ASN B 203 2.57 -29.32 6.62
CA ASN B 203 2.62 -28.89 5.23
C ASN B 203 3.44 -27.61 5.14
N VAL B 204 4.63 -27.69 4.54
CA VAL B 204 5.46 -26.53 4.24
C VAL B 204 5.18 -26.08 2.81
N ASN B 205 5.30 -24.78 2.55
CA ASN B 205 5.07 -24.21 1.23
C ASN B 205 5.99 -23.02 1.07
N HIS B 206 6.95 -23.15 0.16
CA HIS B 206 8.00 -22.16 -0.09
C HIS B 206 7.81 -21.64 -1.52
N LYS B 207 6.92 -20.66 -1.69
CA LYS B 207 6.68 -20.14 -3.02
C LYS B 207 7.93 -19.61 -3.72
N PRO B 208 8.93 -19.03 -3.03
CA PRO B 208 10.17 -18.61 -3.71
C PRO B 208 10.90 -19.69 -4.51
N SER B 209 10.76 -20.97 -4.17
CA SER B 209 11.37 -22.04 -4.95
C SER B 209 10.37 -23.07 -5.44
N ASN B 210 9.08 -22.82 -5.23
CA ASN B 210 8.01 -23.69 -5.70
C ASN B 210 8.15 -25.09 -5.10
N THR B 211 8.38 -25.14 -3.80
CA THR B 211 8.55 -26.36 -3.02
C THR B 211 7.41 -26.48 -2.03
N LYS B 212 6.69 -27.60 -2.05
CA LYS B 212 5.61 -27.85 -1.10
C LYS B 212 5.72 -29.30 -0.63
N VAL B 213 6.07 -29.50 0.65
CA VAL B 213 6.36 -30.81 1.26
C VAL B 213 5.29 -31.13 2.29
N ASP B 214 5.02 -32.43 2.46
CA ASP B 214 4.10 -32.96 3.48
C ASP B 214 4.79 -34.12 4.20
N LYS B 215 5.35 -33.85 5.39
CA LYS B 215 5.95 -34.90 6.23
C LYS B 215 4.90 -35.35 7.23
N LYS B 216 4.63 -36.66 7.26
CA LYS B 216 3.84 -37.26 8.31
C LYS B 216 4.74 -37.47 9.53
N VAL B 217 4.23 -37.11 10.71
CA VAL B 217 5.01 -37.17 11.95
C VAL B 217 4.51 -38.33 12.78
N GLU B 218 5.44 -39.19 13.21
CA GLU B 218 5.13 -40.41 13.93
C GLU B 218 6.38 -40.83 14.69
N ASP C 1 6.90 16.29 5.75
CA ASP C 1 8.02 16.35 6.69
C ASP C 1 7.60 16.85 8.07
N ILE C 2 6.30 16.70 8.33
CA ILE C 2 5.74 16.86 9.67
C ILE C 2 6.18 15.65 10.50
N GLN C 3 6.95 15.88 11.56
CA GLN C 3 7.45 14.78 12.40
C GLN C 3 6.43 14.40 13.48
N LEU C 4 6.32 13.10 13.74
CA LEU C 4 5.43 12.60 14.77
C LEU C 4 6.27 12.03 15.92
N THR C 5 5.96 12.48 17.15
CA THR C 5 6.64 12.09 18.39
C THR C 5 5.63 11.38 19.27
N GLN C 6 5.80 10.06 19.39
CA GLN C 6 4.86 9.18 20.06
C GLN C 6 5.49 8.52 21.29
N SER C 7 4.77 8.52 22.42
CA SER C 7 5.20 7.87 23.65
C SER C 7 4.10 6.99 24.23
N PRO C 8 4.47 5.92 24.95
CA PRO C 8 5.84 5.44 25.18
C PRO C 8 6.38 4.63 23.99
N SER C 9 7.69 4.35 23.99
CA SER C 9 8.21 3.36 23.07
C SER C 9 7.65 1.98 23.40
N PHE C 10 7.66 1.67 24.68
CA PHE C 10 7.18 0.40 25.13
C PHE C 10 6.44 0.43 26.41
N LEU C 11 5.18 0.00 26.40
CA LEU C 11 4.38 -0.05 27.63
C LEU C 11 3.98 -1.49 27.93
N SER C 12 3.89 -1.86 29.21
CA SER C 12 3.55 -3.20 29.56
C SER C 12 2.45 -3.09 30.53
N ALA C 13 1.42 -3.84 30.37
CA ALA C 13 0.27 -3.70 31.23
C ALA C 13 -0.37 -5.06 31.41
N SER C 14 -1.26 -5.18 32.39
CA SER C 14 -1.99 -6.40 32.64
C SER C 14 -3.38 -6.30 32.05
N VAL C 15 -4.01 -7.46 31.85
CA VAL C 15 -5.36 -7.53 31.29
C VAL C 15 -6.27 -6.53 32.01
N GLY C 16 -7.21 -5.94 31.28
CA GLY C 16 -8.15 -5.02 31.89
C GLY C 16 -7.56 -3.69 32.35
N ASP C 17 -6.31 -3.40 32.04
CA ASP C 17 -5.69 -2.12 32.37
C ASP C 17 -5.93 -1.10 31.25
N ARG C 18 -5.80 0.19 31.59
CA ARG C 18 -6.10 1.26 30.63
C ARG C 18 -4.79 1.82 30.10
N VAL C 19 -4.41 1.34 28.92
CA VAL C 19 -3.26 1.83 28.18
C VAL C 19 -3.60 3.16 27.53
N THR C 20 -2.67 4.10 27.62
CA THR C 20 -2.85 5.45 27.10
C THR C 20 -1.58 5.81 26.34
N ILE C 21 -1.72 6.18 25.06
CA ILE C 21 -0.60 6.47 24.17
C ILE C 21 -0.75 7.87 23.60
N THR C 22 0.36 8.62 23.54
CA THR C 22 0.39 10.00 23.07
C THR C 22 1.25 10.14 21.83
N CYS C 23 0.72 10.83 20.81
CA CYS C 23 1.43 11.21 19.59
C CYS C 23 1.34 12.73 19.48
N ARG C 24 2.49 13.41 19.37
CA ARG C 24 2.48 14.86 19.22
C ARG C 24 3.10 15.27 17.88
N ALA C 25 2.37 16.10 17.13
CA ALA C 25 2.77 16.52 15.80
C ALA C 25 3.56 17.81 15.86
N SER C 26 4.57 17.90 14.99
CA SER C 26 5.49 19.04 15.00
C SER C 26 4.87 20.30 14.41
N GLN C 27 3.61 20.28 14.01
CA GLN C 27 2.89 21.49 13.65
C GLN C 27 1.41 21.14 13.70
N GLY C 28 0.57 22.18 13.65
CA GLY C 28 -0.87 21.98 13.64
C GLY C 28 -1.36 21.06 12.51
N ILE C 29 -2.06 20.00 12.87
CA ILE C 29 -2.59 19.06 11.88
C ILE C 29 -4.05 18.77 12.18
N SER C 30 -4.60 19.49 13.16
CA SER C 30 -6.03 19.75 13.33
C SER C 30 -6.94 18.59 12.90
N SER C 31 -6.69 17.42 13.50
CA SER C 31 -7.54 16.22 13.42
C SER C 31 -7.35 15.35 12.18
N TYR C 32 -6.35 15.63 11.34
CA TYR C 32 -6.01 14.75 10.22
C TYR C 32 -4.99 13.70 10.70
N LEU C 33 -5.49 12.76 11.52
CA LEU C 33 -4.63 11.69 12.05
C LEU C 33 -5.42 10.38 12.18
N ALA C 34 -4.72 9.27 11.92
CA ALA C 34 -5.23 7.93 12.10
C ALA C 34 -4.33 7.12 13.05
N TRP C 35 -4.92 6.09 13.65
CA TRP C 35 -4.30 5.23 14.64
C TRP C 35 -4.36 3.78 14.17
N TYR C 36 -3.21 3.11 14.04
CA TYR C 36 -3.21 1.74 13.57
C TYR C 36 -2.62 0.78 14.63
N GLN C 37 -2.96 -0.51 14.50
CA GLN C 37 -2.48 -1.59 15.37
C GLN C 37 -1.89 -2.70 14.50
N GLN C 38 -0.58 -2.92 14.57
CA GLN C 38 0.12 -3.82 13.65
C GLN C 38 0.72 -5.03 14.38
N LYS C 39 0.02 -6.16 14.33
CA LYS C 39 0.58 -7.41 14.83
C LYS C 39 1.85 -7.74 14.03
N PRO C 40 2.64 -8.73 14.43
CA PRO C 40 3.99 -8.88 13.84
C PRO C 40 3.99 -9.31 12.38
N GLY C 41 4.73 -8.56 11.54
CA GLY C 41 4.88 -8.90 10.13
C GLY C 41 3.61 -8.79 9.34
N LYS C 42 2.56 -8.27 9.96
CA LYS C 42 1.25 -8.16 9.34
C LYS C 42 1.00 -6.72 8.93
N ALA C 43 0.04 -6.56 8.02
CA ALA C 43 -0.41 -5.24 7.61
C ALA C 43 -0.87 -4.44 8.82
N PRO C 44 -0.46 -3.18 8.95
CA PRO C 44 -1.18 -2.27 9.85
C PRO C 44 -2.68 -2.33 9.59
N LYS C 45 -3.46 -2.28 10.66
CA LYS C 45 -4.91 -2.29 10.56
C LYS C 45 -5.44 -0.97 11.12
N LEU C 46 -6.52 -0.45 10.54
CA LEU C 46 -7.06 0.82 11.01
C LEU C 46 -7.97 0.61 12.22
N LEU C 47 -7.76 1.42 13.28
CA LEU C 47 -8.61 1.51 14.47
C LEU C 47 -9.32 2.86 14.58
N ILE C 48 -8.56 3.96 14.56
CA ILE C 48 -9.11 5.31 14.64
C ILE C 48 -8.61 6.12 13.44
N TYR C 49 -9.47 7.01 12.95
CA TYR C 49 -9.13 7.95 11.89
C TYR C 49 -9.87 9.25 12.16
N ALA C 50 -9.44 10.31 11.49
CA ALA C 50 -10.00 11.65 11.69
C ALA C 50 -9.88 12.09 13.16
N ALA C 51 -8.84 11.54 13.82
CA ALA C 51 -8.43 11.77 15.19
C ALA C 51 -9.32 11.17 16.27
N SER C 52 -10.58 10.88 15.96
CA SER C 52 -11.44 10.51 17.08
C SER C 52 -12.42 9.40 16.76
N THR C 53 -12.58 9.05 15.49
CA THR C 53 -13.72 8.26 15.05
C THR C 53 -13.32 6.81 14.79
N LEU C 54 -14.15 5.90 15.28
CA LEU C 54 -13.78 4.49 15.43
C LEU C 54 -14.25 3.71 14.21
N GLN C 55 -13.29 3.12 13.49
CA GLN C 55 -13.59 2.31 12.31
C GLN C 55 -14.58 1.20 12.64
N SER C 56 -15.38 0.84 11.65
CA SER C 56 -16.29 -0.27 11.83
C SER C 56 -15.49 -1.54 12.12
N GLY C 57 -15.95 -2.31 13.09
CA GLY C 57 -15.31 -3.55 13.47
C GLY C 57 -14.16 -3.43 14.44
N VAL C 58 -13.93 -2.26 15.01
CA VAL C 58 -12.84 -2.05 15.96
C VAL C 58 -13.47 -1.96 17.35
N PRO C 59 -13.16 -2.90 18.28
CA PRO C 59 -13.87 -2.96 19.57
C PRO C 59 -13.91 -1.62 20.27
N SER C 60 -15.04 -1.36 20.94
CA SER C 60 -15.33 -0.01 21.46
C SER C 60 -14.33 0.43 22.52
N ARG C 61 -13.57 -0.50 23.09
CA ARG C 61 -12.54 -0.14 24.07
C ARG C 61 -11.54 0.84 23.47
N PHE C 62 -11.16 0.65 22.21
CA PHE C 62 -10.32 1.60 21.50
C PHE C 62 -11.05 2.92 21.26
N SER C 63 -10.30 4.01 21.31
CA SER C 63 -10.86 5.35 21.27
C SER C 63 -9.75 6.33 21.01
N GLY C 64 -10.08 7.41 20.29
CA GLY C 64 -9.10 8.42 19.97
C GLY C 64 -9.58 9.77 20.43
N SER C 65 -8.65 10.74 20.45
CA SER C 65 -8.93 12.09 20.91
C SER C 65 -7.82 13.02 20.43
N GLY C 66 -8.12 14.32 20.44
CA GLY C 66 -7.13 15.33 20.10
C GLY C 66 -7.47 16.24 18.94
N SER C 67 -6.80 17.39 18.87
CA SER C 67 -6.86 18.22 17.68
C SER C 67 -5.71 19.22 17.73
N GLY C 68 -4.97 19.34 16.62
CA GLY C 68 -3.79 20.19 16.59
C GLY C 68 -2.51 19.42 16.83
N THR C 69 -1.94 19.50 18.03
CA THR C 69 -0.66 18.85 18.32
C THR C 69 -0.75 17.60 19.19
N GLU C 70 -1.69 17.52 20.14
CA GLU C 70 -1.74 16.43 21.11
C GLU C 70 -2.85 15.44 20.77
N PHE C 71 -2.49 14.16 20.63
CA PHE C 71 -3.43 13.11 20.24
C PHE C 71 -3.21 11.88 21.12
N THR C 72 -4.31 11.26 21.57
CA THR C 72 -4.20 10.08 22.40
C THR C 72 -5.05 8.91 21.89
N LEU C 73 -4.49 7.72 22.07
CA LEU C 73 -5.17 6.47 21.82
C LEU C 73 -5.31 5.79 23.17
N THR C 74 -6.47 5.18 23.41
CA THR C 74 -6.82 4.69 24.74
C THR C 74 -7.51 3.35 24.61
N ILE C 75 -6.99 2.34 25.30
CA ILE C 75 -7.65 1.05 25.40
C ILE C 75 -8.25 0.97 26.79
N SER C 76 -9.57 1.13 26.90
CA SER C 76 -10.18 1.26 28.21
C SER C 76 -10.10 -0.03 29.05
N SER C 77 -9.95 -1.21 28.42
CA SER C 77 -9.73 -2.44 29.20
C SER C 77 -8.92 -3.41 28.32
N LEU C 78 -7.59 -3.32 28.44
CA LEU C 78 -6.66 -4.10 27.62
C LEU C 78 -7.05 -5.57 27.56
N GLN C 79 -6.65 -6.25 26.50
CA GLN C 79 -7.06 -7.63 26.28
C GLN C 79 -5.86 -8.48 25.87
N PRO C 80 -5.93 -9.79 26.11
CA PRO C 80 -4.78 -10.64 25.75
C PRO C 80 -4.46 -10.58 24.27
N GLU C 81 -5.41 -10.13 23.45
CA GLU C 81 -5.28 -10.11 22.00
C GLU C 81 -4.94 -8.72 21.45
N ASP C 82 -4.56 -7.78 22.30
CA ASP C 82 -4.13 -6.47 21.85
C ASP C 82 -2.62 -6.34 21.81
N PHE C 83 -1.88 -7.44 21.95
CA PHE C 83 -0.43 -7.35 21.94
C PHE C 83 0.01 -6.97 20.54
N ALA C 84 0.61 -5.79 20.41
CA ALA C 84 0.92 -5.28 19.07
C ALA C 84 1.89 -4.11 19.21
N THR C 85 2.18 -3.47 18.07
CA THR C 85 2.81 -2.17 18.01
C THR C 85 1.80 -1.19 17.42
N TYR C 86 1.68 -0.01 18.03
CA TYR C 86 0.63 0.94 17.67
C TYR C 86 1.28 2.20 17.12
N TYR C 87 0.89 2.57 15.89
CA TYR C 87 1.45 3.74 15.21
C TYR C 87 0.36 4.76 14.96
N CYS C 88 0.76 6.04 15.01
CA CYS C 88 -0.03 7.15 14.49
C CYS C 88 0.48 7.59 13.11
N GLN C 89 -0.43 8.11 12.29
CA GLN C 89 -0.05 8.56 10.96
C GLN C 89 -0.63 9.94 10.72
N GLN C 90 0.22 10.84 10.25
CA GLN C 90 -0.18 12.19 9.96
C GLN C 90 -0.61 12.29 8.50
N LEU C 91 -1.80 12.85 8.26
CA LEU C 91 -2.38 12.94 6.93
C LEU C 91 -2.55 14.37 6.46
N ASN C 92 -1.88 15.31 7.11
CA ASN C 92 -2.14 16.72 6.86
C ASN C 92 -1.40 17.24 5.64
N SER C 93 -0.22 16.69 5.37
CA SER C 93 0.64 17.11 4.28
C SER C 93 1.58 15.96 3.95
N TYR C 94 1.71 15.62 2.67
CA TYR C 94 2.68 14.63 2.25
C TYR C 94 4.11 15.18 2.34
N PRO C 95 5.11 14.31 2.57
CA PRO C 95 5.01 12.86 2.80
C PRO C 95 4.25 12.49 4.06
N LEU C 96 3.49 11.40 3.98
CA LEU C 96 2.84 10.89 5.18
C LEU C 96 3.89 10.44 6.19
N THR C 97 3.83 11.03 7.38
CA THR C 97 4.75 10.64 8.45
C THR C 97 4.01 9.85 9.51
N PHE C 98 4.76 8.95 10.13
CA PHE C 98 4.26 8.05 11.14
C PHE C 98 4.92 8.34 12.48
N GLY C 99 4.23 7.97 13.54
CA GLY C 99 4.82 8.02 14.85
C GLY C 99 5.88 6.94 15.02
N GLY C 100 6.62 7.07 16.12
CA GLY C 100 7.63 6.06 16.39
C GLY C 100 7.06 4.66 16.38
N GLY C 101 5.95 4.46 17.06
CA GLY C 101 5.33 3.18 17.30
C GLY C 101 5.52 2.82 18.76
N THR C 102 4.49 2.22 19.35
CA THR C 102 4.47 1.82 20.77
C THR C 102 4.26 0.33 20.87
N LYS C 103 5.24 -0.41 21.37
CA LYS C 103 4.95 -1.81 21.59
C LYS C 103 4.10 -1.96 22.83
N VAL C 104 3.31 -3.02 22.88
CA VAL C 104 2.47 -3.29 24.03
C VAL C 104 2.68 -4.75 24.42
N GLU C 105 2.97 -4.96 25.71
CA GLU C 105 3.11 -6.28 26.30
C GLU C 105 1.87 -6.57 27.14
N ILE C 106 1.55 -7.85 27.30
CA ILE C 106 0.51 -8.29 28.21
C ILE C 106 1.22 -8.94 29.40
N LYS C 107 0.86 -8.49 30.62
CA LYS C 107 1.42 -9.03 31.86
C LYS C 107 0.49 -10.09 32.43
N ARG C 108 1.07 -11.23 32.78
CA ARG C 108 0.32 -12.37 33.27
C ARG C 108 1.09 -13.02 34.41
N THR C 109 0.37 -13.83 35.21
CA THR C 109 1.00 -14.59 36.28
C THR C 109 2.12 -15.47 35.72
N VAL C 110 3.16 -15.66 36.52
CA VAL C 110 4.30 -16.44 36.06
C VAL C 110 3.81 -17.81 35.59
N ALA C 111 4.42 -18.29 34.52
CA ALA C 111 4.17 -19.63 34.05
C ALA C 111 5.49 -20.38 33.94
N ALA C 112 5.42 -21.66 34.08
CA ALA C 112 6.60 -22.49 33.95
C ALA C 112 6.70 -23.07 32.54
N PRO C 113 7.94 -23.23 32.02
CA PRO C 113 8.13 -23.82 30.69
C PRO C 113 8.19 -25.33 30.65
N SER C 114 7.21 -25.96 30.01
CA SER C 114 7.29 -27.37 29.65
C SER C 114 8.42 -27.59 28.65
N VAL C 115 9.40 -28.42 29.03
CA VAL C 115 10.63 -28.56 28.24
C VAL C 115 10.67 -29.94 27.60
N PHE C 116 10.49 -29.98 26.28
CA PHE C 116 10.74 -31.16 25.49
C PHE C 116 12.05 -31.04 24.75
N ILE C 117 12.62 -32.17 24.42
CA ILE C 117 13.85 -32.22 23.65
C ILE C 117 13.65 -33.23 22.51
N PHE C 118 14.24 -32.89 21.37
CA PHE C 118 14.12 -33.64 20.14
C PHE C 118 15.47 -33.96 19.47
N PRO C 119 15.60 -35.16 18.90
CA PRO C 119 16.81 -35.69 18.28
C PRO C 119 17.01 -35.38 16.86
N PRO C 120 18.10 -35.79 16.26
CA PRO C 120 18.33 -35.44 14.86
C PRO C 120 17.54 -36.35 13.92
N SER C 121 16.42 -36.87 14.39
CA SER C 121 15.57 -37.76 13.61
C SER C 121 16.36 -38.89 12.97
N ASP C 122 16.09 -39.17 11.69
CA ASP C 122 16.79 -40.22 10.98
C ASP C 122 16.90 -39.89 9.49
N GLU C 123 17.01 -38.60 9.19
CA GLU C 123 17.12 -38.16 7.80
C GLU C 123 18.25 -37.17 7.68
N GLN C 124 18.44 -36.35 8.73
CA GLN C 124 19.50 -35.36 8.74
C GLN C 124 20.87 -35.99 8.70
N LEU C 125 20.97 -37.24 9.16
CA LEU C 125 22.23 -37.97 9.18
C LEU C 125 22.55 -38.56 7.81
N LYS C 126 21.53 -38.71 6.93
CA LYS C 126 21.79 -38.93 5.52
C LYS C 126 22.45 -37.70 4.90
N SER C 127 22.13 -36.50 5.41
CA SER C 127 22.75 -35.26 4.98
C SER C 127 24.03 -34.93 5.74
N GLY C 128 24.35 -35.67 6.80
CA GLY C 128 25.55 -35.44 7.56
C GLY C 128 25.48 -34.32 8.56
N THR C 129 24.43 -33.52 8.56
CA THR C 129 24.23 -32.50 9.56
C THR C 129 23.03 -32.89 10.41
N ALA C 130 23.31 -33.33 11.64
CA ALA C 130 22.28 -33.58 12.63
C ALA C 130 21.89 -32.28 13.32
N SER C 131 20.62 -32.17 13.70
CA SER C 131 20.14 -31.03 14.48
C SER C 131 19.30 -31.52 15.65
N VAL C 132 19.73 -31.17 16.88
CA VAL C 132 18.97 -31.37 18.11
C VAL C 132 18.20 -30.09 18.40
N VAL C 133 16.96 -30.23 18.87
CA VAL C 133 16.11 -29.10 19.20
C VAL C 133 15.68 -29.24 20.66
N CYS C 134 15.47 -28.09 21.31
CA CYS C 134 14.95 -28.05 22.68
C CYS C 134 13.82 -27.03 22.74
N LEU C 135 12.63 -27.49 23.10
CA LEU C 135 11.42 -26.68 23.09
C LEU C 135 11.08 -26.23 24.51
N LEU C 136 11.04 -24.91 24.71
CA LEU C 136 10.60 -24.30 25.96
C LEU C 136 9.19 -23.79 25.70
N ASN C 137 8.20 -24.50 26.21
CA ASN C 137 6.83 -24.29 25.76
C ASN C 137 5.99 -23.53 26.79
N ASN C 138 5.41 -22.41 26.37
CA ASN C 138 4.36 -21.68 27.09
C ASN C 138 4.81 -21.16 28.45
N PHE C 139 5.79 -20.27 28.43
CA PHE C 139 6.29 -19.67 29.66
C PHE C 139 6.03 -18.18 29.68
N TYR C 140 6.18 -17.58 30.87
CA TYR C 140 6.16 -16.14 31.07
C TYR C 140 6.96 -15.86 32.34
N PRO C 141 7.83 -14.83 32.32
CA PRO C 141 8.04 -13.85 31.24
C PRO C 141 9.01 -14.28 30.12
N ARG C 142 9.46 -13.30 29.32
CA ARG C 142 10.15 -13.60 28.07
C ARG C 142 11.60 -14.06 28.27
N GLU C 143 12.16 -13.84 29.46
CA GLU C 143 13.58 -14.08 29.69
C GLU C 143 13.82 -15.53 30.12
N ALA C 144 14.80 -16.18 29.46
CA ALA C 144 15.10 -17.58 29.68
C ALA C 144 16.52 -17.86 29.25
N LYS C 145 17.25 -18.61 30.07
CA LYS C 145 18.58 -19.09 29.75
C LYS C 145 18.45 -20.56 29.35
N VAL C 146 18.78 -20.87 28.10
CA VAL C 146 18.88 -22.25 27.66
C VAL C 146 20.35 -22.63 27.61
N GLN C 147 20.66 -23.84 28.04
CA GLN C 147 22.04 -24.32 28.16
C GLN C 147 22.15 -25.70 27.52
N TRP C 148 23.07 -25.84 26.57
CA TRP C 148 23.27 -27.07 25.82
C TRP C 148 24.49 -27.78 26.35
N LYS C 149 24.31 -29.01 26.84
CA LYS C 149 25.43 -29.83 27.31
C LYS C 149 25.48 -31.12 26.49
N VAL C 150 26.63 -31.37 25.88
CA VAL C 150 26.92 -32.61 25.16
C VAL C 150 27.94 -33.36 26.01
N ASP C 151 27.49 -34.41 26.70
CA ASP C 151 28.31 -35.17 27.63
C ASP C 151 28.81 -34.30 28.79
N ASN C 152 27.86 -33.64 29.47
CA ASN C 152 28.12 -32.70 30.56
C ASN C 152 29.22 -31.70 30.18
N ALA C 153 29.18 -31.24 28.92
CA ALA C 153 30.15 -30.30 28.40
C ALA C 153 29.42 -29.15 27.71
N LEU C 154 29.73 -27.92 28.14
CA LEU C 154 29.02 -26.74 27.69
C LEU C 154 29.32 -26.42 26.22
N GLN C 155 28.27 -26.26 25.45
CA GLN C 155 28.37 -25.93 24.04
C GLN C 155 27.93 -24.48 23.87
N SER C 156 28.89 -23.61 23.57
CA SER C 156 28.62 -22.22 23.24
C SER C 156 28.86 -22.00 21.76
N GLY C 157 27.93 -21.29 21.11
CA GLY C 157 28.13 -20.89 19.73
C GLY C 157 27.77 -21.90 18.68
N ASN C 158 27.19 -23.04 19.04
CA ASN C 158 26.62 -23.97 18.08
C ASN C 158 25.11 -24.10 18.26
N SER C 159 24.47 -23.05 18.77
CA SER C 159 23.08 -23.08 19.15
C SER C 159 22.43 -21.75 18.80
N GLN C 160 21.37 -21.81 18.00
CA GLN C 160 20.56 -20.66 17.69
C GLN C 160 19.18 -20.85 18.31
N GLU C 161 18.54 -19.75 18.67
CA GLU C 161 17.23 -19.80 19.30
C GLU C 161 16.34 -18.68 18.76
N SER C 162 15.03 -18.91 18.85
CA SER C 162 14.02 -17.94 18.46
C SER C 162 12.79 -18.12 19.34
N VAL C 163 12.03 -17.04 19.51
CA VAL C 163 10.94 -16.99 20.48
C VAL C 163 9.67 -16.53 19.76
N THR C 164 8.56 -17.23 20.04
CA THR C 164 7.28 -16.79 19.49
C THR C 164 6.88 -15.46 20.12
N GLU C 165 5.75 -14.93 19.67
CA GLU C 165 5.15 -13.80 20.34
C GLU C 165 4.18 -14.32 21.37
N GLN C 166 3.57 -13.39 22.09
CA GLN C 166 2.61 -13.76 23.12
C GLN C 166 1.40 -14.45 22.51
N ASP C 167 0.97 -15.54 23.13
CA ASP C 167 -0.25 -16.22 22.68
C ASP C 167 -1.45 -15.28 22.79
N SER C 168 -2.27 -15.27 21.73
CA SER C 168 -3.46 -14.42 21.61
C SER C 168 -4.51 -14.73 22.68
N LYS C 169 -4.25 -15.78 23.47
CA LYS C 169 -5.14 -16.28 24.50
C LYS C 169 -4.56 -16.10 25.91
N ASP C 170 -3.35 -16.65 26.20
CA ASP C 170 -2.82 -16.65 27.57
C ASP C 170 -1.52 -15.88 27.78
N SER C 171 -0.98 -15.22 26.75
CA SER C 171 0.16 -14.32 26.79
C SER C 171 1.51 -15.01 27.00
N THR C 172 1.57 -16.34 26.98
CA THR C 172 2.85 -17.03 27.13
C THR C 172 3.66 -17.02 25.83
N TYR C 173 4.98 -16.92 25.99
CA TYR C 173 5.95 -17.15 24.93
C TYR C 173 6.27 -18.64 24.84
N SER C 174 6.82 -19.04 23.69
CA SER C 174 7.48 -20.33 23.53
C SER C 174 8.83 -20.10 22.86
N LEU C 175 9.74 -21.05 23.00
CA LEU C 175 11.10 -20.83 22.54
C LEU C 175 11.67 -22.15 22.04
N SER C 176 12.51 -22.05 21.02
CA SER C 176 13.19 -23.21 20.45
C SER C 176 14.66 -22.87 20.28
N SER C 177 15.52 -23.58 20.98
CA SER C 177 16.95 -23.51 20.76
C SER C 177 17.33 -24.71 19.89
N THR C 178 17.92 -24.43 18.73
CA THR C 178 18.29 -25.47 17.79
C THR C 178 19.81 -25.62 17.84
N LEU C 179 20.26 -26.79 18.29
CA LEU C 179 21.68 -27.12 18.30
C LEU C 179 22.02 -27.81 16.98
N THR C 180 23.20 -27.49 16.44
CA THR C 180 23.65 -28.09 15.19
C THR C 180 24.95 -28.86 15.42
N LEU C 181 25.03 -30.04 14.81
CA LEU C 181 26.20 -30.92 14.92
C LEU C 181 26.46 -31.61 13.60
N SER C 182 27.75 -31.85 13.34
CA SER C 182 28.12 -32.75 12.25
C SER C 182 27.70 -34.17 12.59
N LYS C 183 27.57 -35.01 11.54
CA LYS C 183 27.22 -36.42 11.75
C LYS C 183 28.26 -37.12 12.61
N ALA C 184 29.53 -36.71 12.51
CA ALA C 184 30.60 -37.31 13.28
C ALA C 184 30.62 -36.83 14.73
N ASP C 185 30.21 -35.59 14.99
CA ASP C 185 30.12 -35.15 16.37
C ASP C 185 28.86 -35.66 17.05
N TYR C 186 27.80 -35.94 16.28
CA TYR C 186 26.64 -36.60 16.87
C TYR C 186 26.95 -38.08 17.18
N GLU C 187 27.73 -38.74 16.31
CA GLU C 187 28.15 -40.11 16.57
C GLU C 187 29.23 -40.21 17.63
N LYS C 188 29.88 -39.09 18.00
CA LYS C 188 31.00 -39.11 18.93
C LYS C 188 30.57 -39.16 20.40
N HIS C 189 29.29 -38.89 20.70
CA HIS C 189 28.84 -38.66 22.07
C HIS C 189 27.44 -39.26 22.26
N LYS C 190 27.13 -39.63 23.51
CA LYS C 190 25.91 -40.40 23.84
C LYS C 190 24.79 -39.54 24.42
N VAL C 191 25.02 -38.88 25.54
CA VAL C 191 23.95 -38.20 26.26
C VAL C 191 23.88 -36.75 25.82
N TYR C 192 22.73 -36.34 25.30
CA TYR C 192 22.45 -34.96 24.91
C TYR C 192 21.35 -34.43 25.81
N ALA C 193 21.59 -33.28 26.42
CA ALA C 193 20.71 -32.80 27.47
C ALA C 193 20.59 -31.28 27.41
N CYS C 194 19.40 -30.82 27.76
CA CYS C 194 19.01 -29.43 27.61
C CYS C 194 18.65 -28.87 28.97
N GLU C 195 19.44 -27.92 29.45
CA GLU C 195 19.28 -27.37 30.79
C GLU C 195 18.56 -26.03 30.67
N VAL C 196 17.34 -25.98 31.19
CA VAL C 196 16.50 -24.78 31.16
C VAL C 196 16.46 -24.19 32.55
N THR C 197 16.63 -22.87 32.64
CA THR C 197 16.47 -22.12 33.88
C THR C 197 15.48 -20.98 33.63
N HIS C 198 14.47 -20.85 34.49
CA HIS C 198 13.43 -19.84 34.30
C HIS C 198 12.85 -19.41 35.64
N GLN C 199 12.29 -18.20 35.62
CA GLN C 199 11.65 -17.62 36.80
C GLN C 199 10.63 -18.58 37.41
N GLY C 200 9.82 -19.22 36.58
CA GLY C 200 8.77 -20.07 37.10
C GLY C 200 9.24 -21.34 37.76
N LEU C 201 10.48 -21.76 37.53
CA LEU C 201 11.00 -23.03 38.00
C LEU C 201 11.80 -22.84 39.29
N SER C 202 11.52 -23.67 40.30
CA SER C 202 12.30 -23.54 41.53
C SER C 202 13.72 -24.04 41.35
N SER C 203 13.98 -24.98 40.44
CA SER C 203 15.33 -25.49 40.18
C SER C 203 15.48 -25.81 38.70
N PRO C 204 16.71 -25.76 38.15
CA PRO C 204 16.91 -25.91 36.70
C PRO C 204 16.46 -27.27 36.17
N VAL C 205 15.58 -27.24 35.12
CA VAL C 205 15.01 -28.44 34.52
C VAL C 205 15.86 -28.90 33.35
N THR C 206 16.06 -30.20 33.26
CA THR C 206 16.96 -30.79 32.28
C THR C 206 16.31 -32.07 31.76
N LYS C 207 15.95 -32.07 30.47
CA LYS C 207 15.55 -33.28 29.77
C LYS C 207 16.72 -33.75 28.93
N SER C 208 16.99 -35.05 28.97
CA SER C 208 18.10 -35.65 28.25
C SER C 208 17.56 -36.70 27.29
N PHE C 209 18.47 -37.28 26.49
CA PHE C 209 18.17 -38.48 25.71
C PHE C 209 19.48 -39.20 25.41
N ASN C 210 19.39 -40.52 25.32
CA ASN C 210 20.53 -41.35 24.93
C ASN C 210 20.43 -41.70 23.45
N ARG C 211 21.46 -41.34 22.68
CA ARG C 211 21.56 -41.77 21.30
C ARG C 211 21.48 -43.29 21.28
N GLY C 212 20.37 -43.82 20.79
CA GLY C 212 20.08 -45.23 20.86
C GLY C 212 19.02 -45.64 21.83
N GLU C 213 18.06 -44.76 22.13
CA GLU C 213 16.94 -45.04 23.02
C GLU C 213 17.35 -45.72 24.34
#